data_8CKO
#
_entry.id   8CKO
#
_cell.length_a   78.680
_cell.length_b   108.949
_cell.length_c   113.240
_cell.angle_alpha   90.00
_cell.angle_beta   90.00
_cell.angle_gamma   90.00
#
_symmetry.space_group_name_H-M   'I 2 2 2'
#
loop_
_entity.id
_entity.type
_entity.pdbx_description
1 polymer 'ABC transporter substrate-binding protein'
2 branched beta-D-fructofuranose-(2-1)-alpha-D-glucopyranose
3 non-polymer 2-O-phosphono-beta-D-glucopyranose
4 non-polymer 2-O-phosphono-alpha-D-glucopyranose
5 water water
#
_entity_poly.entity_id   1
_entity_poly.type   'polypeptide(L)'
_entity_poly.pdbx_seq_one_letter_code
;MQERRALRLGVNGLPNSLEPVNAISNVGPRIVNQIFDTLIARDFFAKGAPGNAIDLVPALAESWERIDEKSVRFKLRQKV
MFHDGVELTADDVAYTFSSERLWGPEAIKKIPLGKSYSLDFDEPVVEDKYTVTLRTKTPSYLIETFVASWMSRIVPKEYY
KKLGAVDFGNKPVGTGPYKFVEFVAGDRVVLEANDAYWGPKPTASKITYQIVAEPATRVAGLISGEYDIITTLTPDDIQL
INSYPDLETRGTLIENFHMFTFNMNQEVFKDKKLRRALALAVNRPIMVEALWKKQASIPAGFNFPNYGETFDPKRKAMEY
NVEEAKRLVKESGYDGTPITYHTMGNYYANAMPALMMMIEMWKQIGVNVVMKTYAPGSFPPDNQTWMRNWSNGQWMTDAY
ATIVPEFGPNGQVQKRWGWKAPAEFNELCQKVTVLPNGKERFDAYNRMRDIFEEEAPAVILYQPYDVYAARKDVHWKPVS
FEMMEFRNNLSFGHHHHHH
;
_entity_poly.pdbx_strand_id   A
#
# COMPACT_ATOMS: atom_id res chain seq x y z
N GLN A 2 27.32 -7.88 26.17
CA GLN A 2 25.90 -7.99 25.80
C GLN A 2 25.47 -6.89 24.85
N GLU A 3 25.22 -7.24 23.57
CA GLU A 3 24.77 -6.26 22.57
C GLU A 3 23.24 -6.29 22.51
N ARG A 4 22.63 -5.37 21.74
CA ARG A 4 21.16 -5.38 21.60
C ARG A 4 20.72 -6.66 20.89
N ARG A 5 19.49 -7.09 21.14
CA ARG A 5 18.96 -8.27 20.48
C ARG A 5 18.76 -7.99 18.98
N ALA A 6 18.95 -9.04 18.17
CA ALA A 6 18.70 -9.01 16.73
C ALA A 6 17.25 -9.42 16.60
N LEU A 7 16.52 -8.78 15.71
CA LEU A 7 15.10 -9.03 15.49
C LEU A 7 14.90 -9.94 14.28
N ARG A 8 14.16 -11.03 14.46
CA ARG A 8 13.90 -12.01 13.42
C ARG A 8 12.43 -11.96 13.01
N LEU A 9 12.17 -11.57 11.75
CA LEU A 9 10.80 -11.50 11.22
C LEU A 9 10.52 -12.58 10.17
N GLY A 10 9.38 -13.28 10.31
CA GLY A 10 8.89 -14.26 9.35
C GLY A 10 7.79 -13.55 8.59
N VAL A 11 8.03 -13.27 7.32
CA VAL A 11 7.12 -12.47 6.51
C VAL A 11 6.45 -13.24 5.37
N ASN A 12 5.33 -12.72 4.90
CA ASN A 12 4.58 -13.31 3.81
C ASN A 12 5.25 -13.18 2.45
N GLY A 13 6.06 -12.17 2.28
CA GLY A 13 6.66 -11.86 1.00
C GLY A 13 7.69 -10.77 1.08
N LEU A 14 8.34 -10.52 -0.04
CA LEU A 14 9.37 -9.49 -0.14
C LEU A 14 9.20 -8.69 -1.43
N PRO A 15 9.56 -7.39 -1.42
CA PRO A 15 9.49 -6.62 -2.66
C PRO A 15 10.65 -7.05 -3.58
N ASN A 16 10.51 -6.75 -4.89
CA ASN A 16 11.59 -7.07 -5.82
C ASN A 16 12.71 -6.02 -5.83
N SER A 17 12.48 -4.85 -5.19
CA SER A 17 13.41 -3.73 -5.12
C SER A 17 13.21 -2.96 -3.81
N LEU A 18 14.30 -2.41 -3.23
CA LEU A 18 14.23 -1.55 -2.06
C LEU A 18 14.33 -0.05 -2.46
N GLU A 19 14.21 0.28 -3.79
CA GLU A 19 14.02 1.65 -4.29
C GLU A 19 12.63 2.02 -3.70
N PRO A 20 12.49 3.08 -2.87
CA PRO A 20 11.29 3.19 -2.03
C PRO A 20 9.95 3.35 -2.76
N VAL A 21 9.93 3.95 -3.93
CA VAL A 21 8.68 4.08 -4.69
C VAL A 21 8.37 2.71 -5.33
N ASN A 22 9.38 2.04 -5.93
CA ASN A 22 9.12 0.72 -6.50
C ASN A 22 8.81 -0.37 -5.42
N ALA A 23 9.12 -0.10 -4.15
CA ALA A 23 8.80 -1.03 -3.06
C ALA A 23 7.41 -0.82 -2.49
N ILE A 24 6.58 0.06 -3.08
CA ILE A 24 5.23 0.28 -2.57
C ILE A 24 4.44 -1.00 -2.87
N SER A 25 3.95 -1.59 -1.79
CA SER A 25 3.26 -2.86 -1.81
C SER A 25 2.94 -3.24 -0.36
N ASN A 26 2.28 -4.39 -0.10
CA ASN A 26 2.03 -4.81 1.29
C ASN A 26 3.33 -5.23 1.99
N VAL A 27 4.38 -5.55 1.23
CA VAL A 27 5.61 -6.13 1.80
C VAL A 27 6.86 -5.26 1.79
N GLY A 28 6.86 -4.19 1.02
CA GLY A 28 7.99 -3.27 0.91
C GLY A 28 8.13 -2.24 2.02
N PRO A 29 7.04 -1.55 2.36
CA PRO A 29 7.11 -0.49 3.40
C PRO A 29 7.64 -0.91 4.77
N ARG A 30 7.34 -2.14 5.22
CA ARG A 30 7.92 -2.61 6.50
C ARG A 30 9.42 -2.63 6.49
N ILE A 31 10.04 -2.67 5.32
CA ILE A 31 11.49 -2.64 5.19
C ILE A 31 11.97 -1.20 4.89
N VAL A 32 11.40 -0.54 3.85
CA VAL A 32 11.91 0.78 3.44
C VAL A 32 11.59 1.87 4.47
N ASN A 33 10.59 1.66 5.37
CA ASN A 33 10.35 2.60 6.48
C ASN A 33 11.56 2.64 7.44
N GLN A 34 12.35 1.58 7.48
CA GLN A 34 13.53 1.52 8.34
C GLN A 34 14.75 2.21 7.70
N ILE A 35 14.91 2.08 6.39
CA ILE A 35 16.08 2.56 5.65
C ILE A 35 16.02 4.09 5.38
N PHE A 36 14.79 4.60 5.20
CA PHE A 36 14.59 6.00 4.82
C PHE A 36 13.73 6.79 5.81
N ASP A 37 13.68 8.12 5.59
CA ASP A 37 12.78 9.03 6.32
C ASP A 37 12.07 9.88 5.28
N THR A 38 11.00 10.54 5.71
CA THR A 38 10.26 11.51 4.93
C THR A 38 10.48 12.92 5.57
N LEU A 39 10.04 13.97 4.89
CA LEU A 39 10.13 15.33 5.41
C LEU A 39 9.19 15.52 6.60
N ILE A 40 7.96 15.00 6.45
CA ILE A 40 6.91 15.02 7.45
C ILE A 40 6.55 13.56 7.72
N ALA A 41 6.31 13.18 9.00
CA ALA A 41 5.95 11.78 9.31
C ALA A 41 4.67 11.71 10.09
N ARG A 42 3.95 10.63 9.94
CA ARG A 42 2.73 10.40 10.70
C ARG A 42 3.11 9.80 12.03
N ASP A 43 2.51 10.29 13.12
CA ASP A 43 2.78 9.73 14.44
C ASP A 43 1.54 8.98 14.86
N PHE A 44 1.52 7.69 14.56
CA PHE A 44 0.38 6.84 14.86
C PHE A 44 0.07 6.70 16.36
N PHE A 45 1.03 7.05 17.23
CA PHE A 45 0.86 6.89 18.66
C PHE A 45 0.68 8.23 19.36
N ALA A 46 0.35 9.31 18.61
CA ALA A 46 0.17 10.65 19.20
C ALA A 46 -0.88 10.65 20.28
N LYS A 47 -0.59 11.37 21.37
CA LYS A 47 -1.50 11.51 22.52
C LYS A 47 -2.06 10.16 23.01
N GLY A 48 -1.20 9.16 23.13
CA GLY A 48 -1.59 7.85 23.62
C GLY A 48 -2.46 6.99 22.73
N ALA A 49 -2.65 7.34 21.44
CA ALA A 49 -3.53 6.56 20.57
C ALA A 49 -3.05 5.10 20.34
N PRO A 50 -3.96 4.17 20.07
CA PRO A 50 -3.57 2.78 19.88
C PRO A 50 -3.07 2.48 18.45
N GLY A 51 -2.07 3.22 17.97
CA GLY A 51 -1.50 2.96 16.65
C GLY A 51 -2.30 3.45 15.47
N ASN A 52 -3.30 4.31 15.68
CA ASN A 52 -4.13 4.80 14.59
C ASN A 52 -4.28 6.32 14.57
N ALA A 53 -3.44 7.08 15.29
CA ALA A 53 -3.53 8.53 15.27
C ALA A 53 -3.21 9.06 13.89
N ILE A 54 -3.84 10.17 13.56
CA ILE A 54 -3.66 10.80 12.24
C ILE A 54 -2.63 11.95 12.19
N ASP A 55 -2.09 12.35 13.37
CA ASP A 55 -1.22 13.50 13.48
C ASP A 55 0.03 13.41 12.64
N LEU A 56 0.40 14.52 11.99
CA LEU A 56 1.62 14.68 11.23
C LEU A 56 2.59 15.51 12.07
N VAL A 57 3.86 15.10 12.09
CA VAL A 57 4.88 15.76 12.86
C VAL A 57 6.12 16.00 12.04
N PRO A 58 6.99 16.94 12.46
CA PRO A 58 8.26 17.12 11.74
C PRO A 58 9.12 15.87 11.69
N ALA A 59 9.86 15.70 10.59
CA ALA A 59 10.82 14.58 10.48
C ALA A 59 12.16 15.16 9.82
N LEU A 60 12.46 14.91 8.52
CA LEU A 60 13.59 15.53 7.89
C LEU A 60 13.39 17.03 7.72
N ALA A 61 12.16 17.52 7.65
CA ALA A 61 11.89 18.95 7.67
C ALA A 61 11.60 19.33 9.12
N GLU A 62 12.36 20.28 9.68
CA GLU A 62 12.09 20.76 11.04
C GLU A 62 10.83 21.65 11.09
N SER A 63 10.52 22.34 9.98
CA SER A 63 9.31 23.13 9.88
C SER A 63 8.96 23.30 8.43
N TRP A 64 7.73 23.70 8.18
CA TRP A 64 7.28 23.95 6.82
C TRP A 64 6.16 24.96 6.82
N GLU A 65 5.93 25.57 5.68
CA GLU A 65 4.90 26.56 5.53
C GLU A 65 4.30 26.47 4.14
N ARG A 66 2.96 26.40 4.06
CA ARG A 66 2.29 26.49 2.79
C ARG A 66 2.36 27.97 2.38
N ILE A 67 2.84 28.22 1.17
CA ILE A 67 2.94 29.59 0.64
C ILE A 67 1.62 30.00 -0.02
N ASP A 68 1.12 29.15 -0.92
CA ASP A 68 -0.10 29.46 -1.66
C ASP A 68 -0.73 28.11 -2.09
N GLU A 69 -1.67 28.15 -3.01
CA GLU A 69 -2.37 26.96 -3.48
C GLU A 69 -1.52 25.92 -4.18
N LYS A 70 -0.26 26.21 -4.53
CA LYS A 70 0.55 25.25 -5.29
C LYS A 70 1.97 25.17 -4.83
N SER A 71 2.27 25.60 -3.59
CA SER A 71 3.66 25.50 -3.12
C SER A 71 3.77 25.45 -1.63
N VAL A 72 4.74 24.72 -1.15
CA VAL A 72 5.06 24.55 0.24
C VAL A 72 6.56 24.62 0.40
N ARG A 73 7.02 25.47 1.30
CA ARG A 73 8.45 25.57 1.62
C ARG A 73 8.80 24.75 2.86
N PHE A 74 9.91 23.99 2.79
CA PHE A 74 10.41 23.15 3.85
C PHE A 74 11.74 23.65 4.32
N LYS A 75 11.92 23.71 5.65
CA LYS A 75 13.21 24.02 6.24
C LYS A 75 13.74 22.69 6.77
N LEU A 76 14.91 22.29 6.27
CA LEU A 76 15.48 20.99 6.59
C LEU A 76 16.28 20.94 7.86
N ARG A 77 16.20 19.80 8.58
CA ARG A 77 17.03 19.52 9.76
C ARG A 77 18.48 19.45 9.24
N GLN A 78 19.42 20.08 9.98
CA GLN A 78 20.80 20.19 9.57
C GLN A 78 21.64 19.07 10.17
N LYS A 79 22.72 18.71 9.48
CA LYS A 79 23.66 17.65 9.91
C LYS A 79 23.06 16.25 9.94
N VAL A 80 21.99 16.01 9.18
CA VAL A 80 21.47 14.65 9.06
C VAL A 80 22.38 13.96 8.04
N MET A 81 22.84 12.73 8.33
N MET A 81 22.78 12.72 8.33
CA MET A 81 23.70 12.02 7.39
CA MET A 81 23.64 11.97 7.44
C MET A 81 23.00 10.79 6.82
C MET A 81 22.94 10.79 6.81
N PHE A 82 23.24 10.54 5.53
CA PHE A 82 22.82 9.33 4.84
C PHE A 82 23.80 8.26 5.37
N HIS A 83 23.48 6.99 5.14
CA HIS A 83 24.27 5.87 5.64
C HIS A 83 25.69 5.84 5.16
N ASP A 84 25.97 6.42 3.97
CA ASP A 84 27.35 6.50 3.44
C ASP A 84 28.07 7.78 3.86
N GLY A 85 27.54 8.53 4.84
CA GLY A 85 28.17 9.75 5.32
C GLY A 85 27.81 11.08 4.73
N VAL A 86 27.19 11.06 3.55
CA VAL A 86 26.87 12.28 2.81
C VAL A 86 25.80 13.03 3.57
N GLU A 87 25.96 14.35 3.77
CA GLU A 87 25.00 15.13 4.54
C GLU A 87 23.78 15.36 3.67
N LEU A 88 22.59 15.27 4.29
CA LEU A 88 21.35 15.57 3.60
C LEU A 88 21.28 17.07 3.34
N THR A 89 20.92 17.45 2.10
CA THR A 89 20.74 18.84 1.72
C THR A 89 19.51 18.98 0.80
N ALA A 90 19.10 20.22 0.55
CA ALA A 90 17.98 20.51 -0.34
C ALA A 90 18.15 19.88 -1.73
N ASP A 91 19.37 19.71 -2.18
CA ASP A 91 19.65 19.11 -3.47
C ASP A 91 19.12 17.62 -3.50
N ASP A 92 19.21 16.90 -2.39
CA ASP A 92 18.70 15.52 -2.34
C ASP A 92 17.20 15.51 -2.41
N VAL A 93 16.56 16.45 -1.70
CA VAL A 93 15.12 16.55 -1.67
C VAL A 93 14.61 16.96 -3.05
N ALA A 94 15.27 17.96 -3.67
CA ALA A 94 14.88 18.36 -5.01
C ALA A 94 14.99 17.20 -6.00
N TYR A 95 16.03 16.40 -5.91
CA TYR A 95 16.19 15.24 -6.80
C TYR A 95 15.09 14.18 -6.56
N THR A 96 14.75 13.95 -5.30
CA THR A 96 13.70 13.01 -4.94
C THR A 96 12.41 13.34 -5.65
N PHE A 97 12.08 14.65 -5.71
CA PHE A 97 10.82 15.10 -6.31
C PHE A 97 10.97 15.67 -7.70
N SER A 98 12.02 15.29 -8.41
CA SER A 98 12.34 15.84 -9.74
C SER A 98 11.64 15.14 -10.88
N SER A 99 11.61 15.87 -12.05
CA SER A 99 11.14 15.29 -13.30
C SER A 99 12.03 14.09 -13.66
N GLU A 100 13.34 14.25 -13.51
CA GLU A 100 14.32 13.26 -13.88
C GLU A 100 14.11 11.90 -13.22
N ARG A 101 13.89 11.93 -11.90
CA ARG A 101 13.83 10.72 -11.09
C ARG A 101 12.45 10.18 -10.91
N LEU A 102 11.44 11.06 -10.72
CA LEU A 102 10.12 10.62 -10.29
C LEU A 102 8.96 10.73 -11.29
N TRP A 103 8.63 11.94 -11.76
CA TRP A 103 7.39 12.19 -12.46
C TRP A 103 7.48 12.58 -13.95
N GLY A 104 8.67 12.90 -14.45
CA GLY A 104 8.82 13.29 -15.86
C GLY A 104 8.79 12.08 -16.77
N PRO A 105 8.83 12.33 -18.10
CA PRO A 105 8.82 11.19 -19.03
C PRO A 105 10.04 10.24 -18.95
N GLU A 106 11.17 10.78 -18.57
CA GLU A 106 12.43 10.07 -18.36
C GLU A 106 12.42 9.10 -17.19
N ALA A 107 11.51 9.30 -16.22
CA ALA A 107 11.40 8.42 -15.09
C ALA A 107 10.57 7.17 -15.37
N ILE A 108 9.89 7.07 -16.55
CA ILE A 108 9.00 5.91 -16.84
C ILE A 108 9.69 4.54 -16.71
N LYS A 109 10.92 4.38 -17.21
CA LYS A 109 11.60 3.09 -17.13
C LYS A 109 12.18 2.84 -15.73
N LYS A 110 12.50 3.87 -14.97
CA LYS A 110 13.12 3.75 -13.66
C LYS A 110 12.11 3.49 -12.55
N ILE A 111 11.01 4.24 -12.55
CA ILE A 111 9.93 4.12 -11.54
C ILE A 111 8.67 4.08 -12.37
N PRO A 112 8.22 2.88 -12.81
CA PRO A 112 7.09 2.82 -13.75
C PRO A 112 5.80 3.50 -13.33
N LEU A 113 5.54 3.57 -12.03
CA LEU A 113 4.31 4.21 -11.51
C LEU A 113 4.56 5.60 -10.93
N GLY A 114 5.77 6.15 -11.08
CA GLY A 114 6.11 7.45 -10.51
C GLY A 114 5.23 8.59 -10.98
N LYS A 115 5.04 8.73 -12.28
CA LYS A 115 4.20 9.79 -12.82
C LYS A 115 2.71 9.60 -12.42
N SER A 116 2.17 8.37 -12.60
CA SER A 116 0.76 8.15 -12.35
C SER A 116 0.38 8.31 -10.89
N TYR A 117 1.29 8.01 -9.98
CA TYR A 117 1.06 8.18 -8.53
C TYR A 117 1.46 9.57 -8.00
N SER A 118 2.11 10.40 -8.80
CA SER A 118 2.56 11.72 -8.32
C SER A 118 1.51 12.78 -8.57
N LEU A 119 1.67 13.92 -7.88
CA LEU A 119 0.89 15.09 -8.14
C LEU A 119 1.42 15.73 -9.45
N ASP A 120 0.72 16.75 -9.96
CA ASP A 120 1.14 17.50 -11.14
C ASP A 120 2.29 18.45 -10.76
N PHE A 121 3.40 17.86 -10.40
CA PHE A 121 4.56 18.61 -9.94
C PHE A 121 5.21 19.47 -11.00
N ASP A 122 5.75 20.60 -10.53
CA ASP A 122 6.67 21.44 -11.27
C ASP A 122 8.00 21.12 -10.63
N GLU A 123 9.12 21.63 -11.23
CA GLU A 123 10.41 21.30 -10.64
C GLU A 123 10.54 21.92 -9.23
N PRO A 124 11.13 21.20 -8.25
CA PRO A 124 11.37 21.84 -6.95
C PRO A 124 12.28 23.06 -7.09
N VAL A 125 12.21 23.98 -6.11
CA VAL A 125 13.09 25.14 -6.07
C VAL A 125 13.99 24.99 -4.85
N VAL A 126 15.29 24.96 -5.06
CA VAL A 126 16.29 24.93 -3.99
C VAL A 126 16.57 26.39 -3.68
N GLU A 127 16.27 26.87 -2.47
CA GLU A 127 16.51 28.23 -2.06
C GLU A 127 17.92 28.34 -1.40
N ASP A 128 18.29 27.36 -0.57
CA ASP A 128 19.61 27.23 -0.02
C ASP A 128 19.85 25.76 0.39
N LYS A 129 21.05 25.45 0.87
CA LYS A 129 21.43 24.13 1.31
C LYS A 129 20.36 23.44 2.22
N TYR A 130 19.58 24.23 3.00
CA TYR A 130 18.58 23.65 3.89
C TYR A 130 17.18 24.15 3.66
N THR A 131 16.87 24.67 2.45
CA THR A 131 15.54 25.18 2.18
C THR A 131 15.12 24.75 0.80
N VAL A 132 13.96 24.10 0.68
CA VAL A 132 13.49 23.64 -0.63
C VAL A 132 11.99 23.84 -0.69
N THR A 133 11.49 24.26 -1.83
CA THR A 133 10.06 24.47 -2.07
C THR A 133 9.59 23.46 -3.07
N LEU A 134 8.51 22.71 -2.72
CA LEU A 134 7.87 21.79 -3.61
C LEU A 134 6.68 22.52 -4.17
N ARG A 135 6.46 22.32 -5.49
CA ARG A 135 5.48 23.05 -6.27
C ARG A 135 4.69 22.14 -7.19
N THR A 136 3.47 22.52 -7.44
CA THR A 136 2.65 21.91 -8.49
C THR A 136 2.39 22.97 -9.56
N LYS A 137 2.16 22.48 -10.80
CA LYS A 137 1.92 23.37 -11.95
C LYS A 137 0.49 23.95 -11.92
N THR A 138 -0.45 23.15 -11.40
CA THR A 138 -1.85 23.49 -11.17
C THR A 138 -2.12 23.46 -9.67
N PRO A 139 -3.21 24.07 -9.15
CA PRO A 139 -3.45 24.00 -7.70
C PRO A 139 -3.50 22.59 -7.12
N SER A 140 -2.88 22.41 -5.97
CA SER A 140 -2.97 21.14 -5.25
C SER A 140 -2.93 21.43 -3.77
N TYR A 141 -3.98 21.04 -3.08
CA TYR A 141 -4.06 21.13 -1.64
C TYR A 141 -3.58 19.80 -1.00
N LEU A 142 -2.94 18.91 -1.79
CA LEU A 142 -2.47 17.60 -1.32
C LEU A 142 -0.97 17.47 -1.14
N ILE A 143 -0.23 18.59 -1.26
CA ILE A 143 1.23 18.51 -1.18
C ILE A 143 1.67 17.93 0.20
N GLU A 144 1.06 18.41 1.30
CA GLU A 144 1.48 17.98 2.63
C GLU A 144 1.22 16.45 2.87
N THR A 145 0.02 16.01 2.54
CA THR A 145 -0.28 14.57 2.71
C THR A 145 0.61 13.73 1.77
N PHE A 146 0.90 14.22 0.56
CA PHE A 146 1.80 13.51 -0.36
C PHE A 146 3.19 13.35 0.26
N VAL A 147 3.71 14.46 0.82
CA VAL A 147 5.06 14.47 1.40
C VAL A 147 5.19 13.59 2.63
N ALA A 148 4.13 13.36 3.35
CA ALA A 148 4.18 12.42 4.50
C ALA A 148 4.09 10.94 4.05
N SER A 149 3.73 10.69 2.81
CA SER A 149 3.37 9.36 2.32
C SER A 149 4.57 8.51 1.88
N TRP A 150 4.26 7.25 1.52
CA TRP A 150 5.23 6.33 0.99
C TRP A 150 5.79 6.69 -0.38
N MET A 151 5.24 7.70 -1.04
CA MET A 151 5.87 8.14 -2.30
C MET A 151 7.11 9.05 -2.03
N SER A 152 7.30 9.52 -0.82
CA SER A 152 8.15 10.67 -0.49
C SER A 152 9.32 10.37 0.39
N ARG A 153 9.77 9.11 0.40
CA ARG A 153 11.01 8.79 1.12
C ARG A 153 12.17 9.44 0.37
N ILE A 154 13.08 10.08 1.13
CA ILE A 154 14.16 10.91 0.54
C ILE A 154 15.36 10.09 0.17
N VAL A 155 15.78 10.17 -1.10
CA VAL A 155 16.91 9.44 -1.61
C VAL A 155 18.11 10.37 -1.83
N PRO A 156 19.34 9.81 -1.78
CA PRO A 156 20.54 10.65 -1.96
C PRO A 156 20.82 10.86 -3.44
N LYS A 157 20.93 12.12 -3.85
CA LYS A 157 21.07 12.45 -5.26
C LYS A 157 22.28 11.83 -5.94
N GLU A 158 23.46 12.07 -5.41
CA GLU A 158 24.68 11.65 -6.09
C GLU A 158 24.82 10.12 -6.13
N TYR A 159 24.57 9.45 -5.00
CA TYR A 159 24.66 7.98 -4.94
C TYR A 159 23.61 7.33 -5.85
N TYR A 160 22.36 7.81 -5.81
CA TYR A 160 21.30 7.25 -6.64
C TYR A 160 21.62 7.46 -8.14
N LYS A 161 22.11 8.65 -8.54
CA LYS A 161 22.43 8.91 -9.96
C LYS A 161 23.56 8.02 -10.44
N LYS A 162 24.54 7.79 -9.59
CA LYS A 162 25.72 6.96 -9.93
C LYS A 162 25.34 5.49 -10.18
N LEU A 163 24.50 4.90 -9.30
CA LEU A 163 24.10 3.51 -9.45
C LEU A 163 22.98 3.32 -10.47
N GLY A 164 22.03 4.26 -10.50
CA GLY A 164 20.83 4.10 -11.30
C GLY A 164 19.77 3.41 -10.46
N ALA A 165 18.50 3.60 -10.80
CA ALA A 165 17.37 3.07 -10.02
C ALA A 165 17.39 1.55 -9.71
N VAL A 166 17.85 0.76 -10.67
CA VAL A 166 17.87 -0.68 -10.52
C VAL A 166 18.93 -1.10 -9.49
N ASP A 167 20.20 -0.70 -9.69
CA ASP A 167 21.28 -1.04 -8.74
C ASP A 167 21.07 -0.36 -7.37
N PHE A 168 20.46 0.86 -7.32
CA PHE A 168 20.14 1.50 -6.04
C PHE A 168 19.14 0.59 -5.29
N GLY A 169 18.18 0.00 -6.00
CA GLY A 169 17.17 -0.88 -5.41
C GLY A 169 17.73 -2.15 -4.79
N ASN A 170 18.95 -2.55 -5.20
CA ASN A 170 19.64 -3.70 -4.65
C ASN A 170 20.66 -3.30 -3.58
N LYS A 171 21.02 -2.01 -3.43
CA LYS A 171 22.00 -1.50 -2.47
C LYS A 171 21.58 -0.11 -2.00
N PRO A 172 20.42 -0.02 -1.29
CA PRO A 172 19.88 1.31 -0.93
C PRO A 172 20.63 2.02 0.17
N VAL A 173 20.70 3.36 0.07
CA VAL A 173 21.25 4.25 1.06
C VAL A 173 20.18 5.29 1.40
N GLY A 174 19.84 5.40 2.68
CA GLY A 174 18.90 6.40 3.18
C GLY A 174 19.41 7.06 4.44
N THR A 175 18.54 7.80 5.14
CA THR A 175 18.85 8.48 6.40
C THR A 175 18.25 7.76 7.63
N GLY A 176 17.56 6.65 7.42
CA GLY A 176 16.76 5.92 8.41
C GLY A 176 17.50 5.21 9.50
N PRO A 177 16.74 4.75 10.52
CA PRO A 177 17.33 4.13 11.70
C PRO A 177 18.04 2.79 11.48
N TYR A 178 17.81 2.14 10.34
CA TYR A 178 18.51 0.90 10.02
C TYR A 178 19.10 0.99 8.62
N LYS A 179 20.30 0.50 8.47
CA LYS A 179 21.03 0.53 7.21
C LYS A 179 21.14 -0.87 6.58
N PHE A 180 21.35 -0.89 5.26
CA PHE A 180 21.38 -2.09 4.45
C PHE A 180 22.55 -2.98 4.71
N VAL A 181 22.31 -4.30 4.79
CA VAL A 181 23.39 -5.27 4.90
C VAL A 181 23.34 -6.18 3.66
N GLU A 182 22.19 -6.84 3.42
CA GLU A 182 22.08 -7.80 2.33
C GLU A 182 20.62 -8.01 1.83
N PHE A 183 20.51 -8.41 0.55
CA PHE A 183 19.25 -8.74 -0.11
C PHE A 183 19.46 -9.93 -1.02
N VAL A 184 18.91 -11.07 -0.61
CA VAL A 184 18.88 -12.26 -1.43
C VAL A 184 17.47 -12.30 -2.00
N ALA A 185 17.33 -12.06 -3.32
CA ALA A 185 16.02 -11.97 -3.99
C ALA A 185 15.13 -13.17 -3.70
N GLY A 186 13.90 -12.91 -3.30
CA GLY A 186 12.94 -13.97 -2.99
C GLY A 186 13.23 -14.80 -1.75
N ASP A 187 14.18 -14.36 -0.89
CA ASP A 187 14.56 -15.11 0.31
C ASP A 187 14.68 -14.22 1.58
N ARG A 188 15.58 -13.21 1.60
CA ARG A 188 15.73 -12.39 2.80
C ARG A 188 16.31 -11.02 2.56
N VAL A 189 16.05 -10.14 3.53
CA VAL A 189 16.62 -8.80 3.61
C VAL A 189 17.15 -8.67 5.02
N VAL A 190 18.37 -8.21 5.18
CA VAL A 190 19.01 -8.03 6.49
C VAL A 190 19.42 -6.57 6.57
N LEU A 191 19.04 -5.91 7.68
CA LEU A 191 19.42 -4.52 8.00
C LEU A 191 20.15 -4.52 9.34
N GLU A 192 20.94 -3.47 9.60
CA GLU A 192 21.69 -3.30 10.86
C GLU A 192 21.44 -1.91 11.44
N ALA A 193 21.56 -1.77 12.77
CA ALA A 193 21.37 -0.50 13.45
C ALA A 193 22.19 0.64 12.85
N ASN A 194 21.58 1.79 12.59
CA ASN A 194 22.30 2.98 12.18
C ASN A 194 22.45 3.81 13.46
N ASP A 195 23.59 3.66 14.18
CA ASP A 195 23.77 4.38 15.43
C ASP A 195 24.08 5.89 15.22
N ALA A 196 24.21 6.37 13.95
CA ALA A 196 24.33 7.80 13.63
C ALA A 196 22.96 8.44 13.36
N TYR A 197 21.88 7.72 13.64
CA TYR A 197 20.54 8.18 13.32
C TYR A 197 20.21 9.49 14.03
N TRP A 198 19.60 10.45 13.31
CA TRP A 198 19.22 11.76 13.83
C TRP A 198 18.08 11.73 14.86
N GLY A 199 17.22 10.72 14.78
CA GLY A 199 16.06 10.58 15.64
C GLY A 199 16.25 9.53 16.73
N PRO A 200 15.15 8.95 17.24
CA PRO A 200 15.27 7.93 18.30
C PRO A 200 16.21 6.79 17.88
N LYS A 201 17.21 6.48 18.71
CA LYS A 201 18.21 5.50 18.32
C LYS A 201 17.63 4.10 18.17
N PRO A 202 18.09 3.34 17.17
CA PRO A 202 17.60 1.97 16.99
C PRO A 202 17.83 1.09 18.22
N THR A 203 16.84 0.26 18.55
CA THR A 203 16.87 -0.63 19.70
C THR A 203 17.24 -2.09 19.35
N ALA A 204 17.20 -2.47 18.07
CA ALA A 204 17.66 -3.80 17.66
C ALA A 204 19.05 -3.64 17.02
N SER A 205 19.90 -4.65 17.21
CA SER A 205 21.22 -4.63 16.58
C SER A 205 21.11 -4.90 15.06
N LYS A 206 20.15 -5.75 14.69
CA LYS A 206 19.94 -6.22 13.34
C LYS A 206 18.50 -6.57 13.12
N ILE A 207 17.99 -6.42 11.88
CA ILE A 207 16.64 -6.87 11.55
C ILE A 207 16.71 -7.79 10.31
N THR A 208 16.12 -9.00 10.37
CA THR A 208 16.09 -9.95 9.27
C THR A 208 14.66 -10.20 8.84
N TYR A 209 14.35 -9.97 7.56
CA TYR A 209 13.04 -10.23 6.98
C TYR A 209 13.19 -11.51 6.19
N GLN A 210 12.72 -12.63 6.74
CA GLN A 210 12.81 -13.94 6.10
C GLN A 210 11.46 -14.34 5.52
N ILE A 211 11.40 -14.57 4.22
CA ILE A 211 10.16 -15.00 3.58
C ILE A 211 9.79 -16.40 4.02
N VAL A 212 8.53 -16.54 4.44
CA VAL A 212 7.95 -17.84 4.78
C VAL A 212 6.58 -17.79 4.14
N ALA A 213 6.52 -18.16 2.87
CA ALA A 213 5.31 -17.96 2.11
C ALA A 213 4.11 -18.73 2.62
N GLU A 214 4.29 -19.95 3.17
CA GLU A 214 3.14 -20.69 3.70
C GLU A 214 2.82 -20.25 5.15
N PRO A 215 1.62 -19.76 5.43
CA PRO A 215 1.33 -19.31 6.79
C PRO A 215 1.47 -20.36 7.89
N ALA A 216 1.17 -21.64 7.62
CA ALA A 216 1.34 -22.69 8.64
C ALA A 216 2.80 -22.82 9.06
N THR A 217 3.71 -22.77 8.11
CA THR A 217 5.15 -22.84 8.39
C THR A 217 5.59 -21.62 9.20
N ARG A 218 5.03 -20.47 8.88
CA ARG A 218 5.29 -19.22 9.60
C ARG A 218 4.87 -19.35 11.09
N VAL A 219 3.65 -19.89 11.33
CA VAL A 219 3.15 -20.08 12.70
C VAL A 219 4.04 -21.11 13.41
N ALA A 220 4.41 -22.24 12.74
CA ALA A 220 5.31 -23.21 13.37
C ALA A 220 6.67 -22.61 13.78
N GLY A 221 7.19 -21.67 12.96
CA GLY A 221 8.46 -21.00 13.27
C GLY A 221 8.36 -20.06 14.47
N LEU A 222 7.19 -19.44 14.73
CA LEU A 222 7.02 -18.66 15.95
C LEU A 222 6.92 -19.61 17.15
N ILE A 223 6.19 -20.72 17.00
CA ILE A 223 6.05 -21.68 18.09
C ILE A 223 7.40 -22.28 18.46
N SER A 224 8.24 -22.58 17.47
CA SER A 224 9.53 -23.23 17.74
C SER A 224 10.60 -22.28 18.21
N GLY A 225 10.41 -20.98 18.10
CA GLY A 225 11.39 -20.00 18.55
C GLY A 225 12.29 -19.47 17.47
N GLU A 226 11.98 -19.69 16.18
CA GLU A 226 12.81 -19.21 15.07
C GLU A 226 12.56 -17.73 14.76
N TYR A 227 11.34 -17.24 15.03
CA TYR A 227 11.01 -15.85 14.73
C TYR A 227 10.51 -15.15 15.96
N ASP A 228 10.73 -13.83 15.99
CA ASP A 228 10.27 -12.97 17.08
C ASP A 228 8.89 -12.42 16.77
N ILE A 229 8.66 -12.06 15.51
CA ILE A 229 7.38 -11.54 15.03
C ILE A 229 7.13 -12.19 13.65
N ILE A 230 5.86 -12.54 13.40
CA ILE A 230 5.40 -13.07 12.12
C ILE A 230 4.24 -12.25 11.60
N THR A 231 4.14 -12.16 10.28
CA THR A 231 3.13 -11.32 9.66
C THR A 231 2.05 -12.10 8.93
N THR A 232 0.99 -11.36 8.55
CA THR A 232 -0.04 -11.76 7.60
C THR A 232 -0.76 -13.04 7.99
N LEU A 233 -1.21 -13.11 9.24
CA LEU A 233 -1.99 -14.26 9.69
C LEU A 233 -3.48 -13.96 9.52
N THR A 234 -4.31 -14.96 9.77
CA THR A 234 -5.74 -14.78 9.72
C THR A 234 -6.29 -14.87 11.15
N PRO A 235 -7.54 -14.40 11.37
CA PRO A 235 -8.11 -14.53 12.70
C PRO A 235 -8.32 -15.97 13.16
N ASP A 236 -8.31 -16.95 12.23
CA ASP A 236 -8.43 -18.36 12.61
C ASP A 236 -7.16 -18.89 13.29
N ASP A 237 -6.03 -18.14 13.23
CA ASP A 237 -4.78 -18.55 13.90
C ASP A 237 -4.69 -17.99 15.34
N ILE A 238 -5.58 -17.08 15.73
CA ILE A 238 -5.53 -16.36 16.99
C ILE A 238 -5.62 -17.29 18.21
N GLN A 239 -6.60 -18.19 18.23
CA GLN A 239 -6.78 -19.05 19.40
C GLN A 239 -5.60 -19.98 19.65
N LEU A 240 -5.02 -20.58 18.60
CA LEU A 240 -3.87 -21.46 18.80
C LEU A 240 -2.68 -20.70 19.36
N ILE A 241 -2.31 -19.59 18.71
CA ILE A 241 -1.14 -18.83 19.14
C ILE A 241 -1.31 -18.33 20.58
N ASN A 242 -2.49 -17.76 20.88
CA ASN A 242 -2.73 -17.23 22.23
C ASN A 242 -2.75 -18.32 23.31
N SER A 243 -2.89 -19.61 22.96
CA SER A 243 -2.83 -20.67 23.97
C SER A 243 -1.40 -20.84 24.56
N TYR A 244 -0.37 -20.41 23.82
CA TYR A 244 1.01 -20.47 24.29
C TYR A 244 1.22 -19.31 25.25
N PRO A 245 1.68 -19.54 26.48
CA PRO A 245 1.80 -18.43 27.43
C PRO A 245 2.84 -17.36 27.10
N ASP A 246 3.83 -17.67 26.26
CA ASP A 246 4.88 -16.71 25.89
C ASP A 246 4.69 -16.07 24.51
N LEU A 247 3.54 -16.31 23.86
CA LEU A 247 3.22 -15.74 22.55
C LEU A 247 1.89 -15.02 22.60
N GLU A 248 1.66 -14.10 21.66
CA GLU A 248 0.38 -13.42 21.55
C GLU A 248 0.21 -12.86 20.16
N THR A 249 -1.05 -12.67 19.78
CA THR A 249 -1.35 -11.99 18.55
C THR A 249 -1.54 -10.52 18.83
N ARG A 250 -1.28 -9.70 17.80
CA ARG A 250 -1.42 -8.24 17.83
C ARG A 250 -1.97 -7.86 16.46
N GLY A 251 -3.15 -7.31 16.44
CA GLY A 251 -3.79 -7.00 15.16
C GLY A 251 -4.48 -5.67 15.19
N THR A 252 -4.76 -5.20 13.98
CA THR A 252 -5.48 -3.97 13.81
C THR A 252 -6.08 -3.91 12.42
N LEU A 253 -7.20 -3.21 12.29
CA LEU A 253 -7.75 -2.92 11.00
C LEU A 253 -6.81 -1.87 10.36
N ILE A 254 -6.43 -2.09 9.11
CA ILE A 254 -5.51 -1.22 8.43
C ILE A 254 -6.21 -0.44 7.31
N GLU A 255 -5.62 0.69 6.95
CA GLU A 255 -6.13 1.60 5.90
C GLU A 255 -5.75 1.06 4.49
N ASN A 256 -6.36 -0.07 4.14
CA ASN A 256 -6.12 -0.81 2.90
C ASN A 256 -7.38 -1.57 2.61
N PHE A 257 -7.65 -1.85 1.33
CA PHE A 257 -8.72 -2.79 1.02
C PHE A 257 -8.20 -3.90 0.10
N HIS A 258 -8.71 -5.14 0.34
CA HIS A 258 -8.50 -6.26 -0.55
C HIS A 258 -9.56 -6.18 -1.64
N MET A 259 -9.21 -6.66 -2.83
CA MET A 259 -10.15 -6.65 -3.93
C MET A 259 -9.84 -7.79 -4.91
N PHE A 260 -10.70 -7.94 -5.90
CA PHE A 260 -10.36 -8.66 -7.12
C PHE A 260 -10.60 -7.70 -8.29
N THR A 261 -9.87 -7.92 -9.37
CA THR A 261 -9.97 -7.07 -10.53
C THR A 261 -9.78 -7.92 -11.82
N PHE A 262 -9.86 -7.27 -12.95
CA PHE A 262 -9.95 -7.91 -14.25
C PHE A 262 -8.96 -7.39 -15.25
N ASN A 263 -8.60 -8.27 -16.20
CA ASN A 263 -7.83 -7.85 -17.33
C ASN A 263 -8.89 -7.52 -18.39
N MET A 264 -9.20 -6.25 -18.53
CA MET A 264 -10.25 -5.79 -19.44
C MET A 264 -9.82 -5.69 -20.89
N ASN A 265 -8.59 -6.13 -21.18
CA ASN A 265 -8.15 -6.37 -22.56
C ASN A 265 -8.72 -7.72 -23.07
N GLN A 266 -9.16 -8.62 -22.15
CA GLN A 266 -9.73 -9.89 -22.54
C GLN A 266 -11.14 -9.66 -23.01
N GLU A 267 -11.56 -10.35 -24.08
CA GLU A 267 -12.90 -10.19 -24.66
C GLU A 267 -14.04 -10.30 -23.65
N VAL A 268 -14.02 -11.34 -22.81
CA VAL A 268 -15.08 -11.59 -21.84
C VAL A 268 -15.22 -10.47 -20.78
N PHE A 269 -14.18 -9.62 -20.61
CA PHE A 269 -14.26 -8.50 -19.65
C PHE A 269 -14.18 -7.10 -20.29
N LYS A 270 -14.29 -6.96 -21.61
CA LYS A 270 -14.25 -5.62 -22.23
C LYS A 270 -15.47 -4.80 -21.83
N ASP A 271 -16.63 -5.44 -21.74
CA ASP A 271 -17.89 -4.83 -21.36
C ASP A 271 -18.12 -5.03 -19.84
N LYS A 272 -18.87 -4.13 -19.23
CA LYS A 272 -19.11 -4.21 -17.79
C LYS A 272 -20.04 -5.32 -17.31
N LYS A 273 -20.84 -5.94 -18.19
CA LYS A 273 -21.90 -6.83 -17.70
C LYS A 273 -21.44 -8.02 -16.84
N LEU A 274 -20.44 -8.79 -17.30
CA LEU A 274 -20.00 -9.95 -16.54
C LEU A 274 -19.19 -9.50 -15.34
N ARG A 275 -18.49 -8.34 -15.42
CA ARG A 275 -17.77 -7.82 -14.24
C ARG A 275 -18.79 -7.51 -13.15
N ARG A 276 -19.89 -6.86 -13.53
CA ARG A 276 -20.97 -6.52 -12.61
C ARG A 276 -21.66 -7.77 -12.08
N ALA A 277 -21.89 -8.77 -12.92
CA ALA A 277 -22.51 -10.02 -12.47
C ALA A 277 -21.65 -10.66 -11.33
N LEU A 278 -20.34 -10.72 -11.54
CA LEU A 278 -19.44 -11.31 -10.55
C LEU A 278 -19.42 -10.48 -9.27
N ALA A 279 -19.49 -9.14 -9.40
CA ALA A 279 -19.50 -8.26 -8.23
C ALA A 279 -20.79 -8.43 -7.42
N LEU A 280 -21.93 -8.54 -8.09
CA LEU A 280 -23.22 -8.66 -7.43
C LEU A 280 -23.46 -9.98 -6.72
N ALA A 281 -22.68 -11.00 -7.04
CA ALA A 281 -22.81 -12.29 -6.39
C ALA A 281 -21.91 -12.50 -5.20
N VAL A 282 -21.07 -11.52 -4.82
CA VAL A 282 -20.13 -11.70 -3.73
C VAL A 282 -20.89 -11.37 -2.48
N ASN A 283 -21.04 -12.36 -1.55
CA ASN A 283 -21.68 -12.17 -0.24
C ASN A 283 -20.58 -11.88 0.73
N ARG A 284 -20.24 -10.59 0.90
CA ARG A 284 -19.13 -10.19 1.75
C ARG A 284 -19.37 -10.48 3.25
N PRO A 285 -20.56 -10.26 3.80
CA PRO A 285 -20.76 -10.53 5.23
C PRO A 285 -20.52 -11.99 5.58
N ILE A 286 -20.88 -12.92 4.68
CA ILE A 286 -20.65 -14.35 5.00
C ILE A 286 -19.15 -14.65 4.94
N MET A 287 -18.39 -13.99 4.06
CA MET A 287 -16.93 -14.16 4.03
C MET A 287 -16.30 -13.58 5.31
N VAL A 288 -16.75 -12.41 5.74
CA VAL A 288 -16.25 -11.79 6.97
C VAL A 288 -16.53 -12.70 8.19
N GLU A 289 -17.71 -13.31 8.23
CA GLU A 289 -18.03 -14.22 9.34
C GLU A 289 -17.15 -15.48 9.26
N ALA A 290 -17.12 -16.15 8.12
CA ALA A 290 -16.43 -17.43 7.99
C ALA A 290 -14.92 -17.38 8.12
N LEU A 291 -14.29 -16.38 7.50
CA LEU A 291 -12.84 -16.28 7.42
C LEU A 291 -12.16 -15.26 8.31
N TRP A 292 -12.87 -14.19 8.69
CA TRP A 292 -12.28 -13.11 9.47
C TRP A 292 -12.79 -13.01 10.91
N LYS A 293 -13.66 -13.93 11.38
CA LYS A 293 -14.21 -13.87 12.74
C LYS A 293 -14.76 -12.46 13.08
N LYS A 294 -15.45 -11.84 12.14
CA LYS A 294 -16.08 -10.53 12.28
C LYS A 294 -15.09 -9.39 12.33
N GLN A 295 -13.75 -9.62 12.20
CA GLN A 295 -12.78 -8.55 12.40
C GLN A 295 -12.49 -7.64 11.18
N ALA A 296 -12.75 -8.10 10.00
CA ALA A 296 -12.61 -7.30 8.77
C ALA A 296 -13.81 -6.35 8.69
N SER A 297 -13.66 -5.29 7.91
CA SER A 297 -14.67 -4.25 7.76
C SER A 297 -15.05 -4.09 6.28
N ILE A 298 -16.37 -3.98 5.98
CA ILE A 298 -16.85 -3.82 4.63
C ILE A 298 -17.21 -2.34 4.35
N PRO A 299 -16.49 -1.63 3.46
CA PRO A 299 -16.77 -0.21 3.27
C PRO A 299 -17.94 0.06 2.38
N ALA A 300 -18.54 1.24 2.54
CA ALA A 300 -19.64 1.64 1.69
C ALA A 300 -19.03 2.29 0.44
N GLY A 301 -18.52 1.46 -0.42
CA GLY A 301 -17.92 1.92 -1.66
C GLY A 301 -16.47 2.25 -1.49
N PHE A 302 -15.93 3.02 -2.46
CA PHE A 302 -14.52 3.38 -2.50
C PHE A 302 -14.43 4.62 -1.64
N ASN A 303 -14.53 4.41 -0.33
CA ASN A 303 -14.88 5.43 0.65
C ASN A 303 -14.45 5.02 2.03
N PHE A 304 -13.46 5.69 2.59
CA PHE A 304 -12.82 5.27 3.84
C PHE A 304 -12.68 6.41 4.81
N PRO A 305 -12.82 6.17 6.13
CA PRO A 305 -12.73 7.29 7.09
C PRO A 305 -11.45 8.13 7.05
N ASN A 306 -10.29 7.52 6.66
CA ASN A 306 -9.05 8.29 6.60
C ASN A 306 -9.11 9.39 5.54
N TYR A 307 -10.12 9.38 4.65
CA TYR A 307 -10.30 10.47 3.71
C TYR A 307 -10.70 11.81 4.39
N GLY A 308 -11.12 11.78 5.66
CA GLY A 308 -11.42 13.00 6.38
C GLY A 308 -12.59 13.76 5.82
N GLU A 309 -12.35 14.95 5.28
CA GLU A 309 -13.40 15.80 4.72
C GLU A 309 -14.07 15.18 3.50
N THR A 310 -13.40 14.21 2.83
CA THR A 310 -13.97 13.55 1.65
C THR A 310 -14.36 12.10 1.93
N PHE A 311 -14.56 11.73 3.21
CA PHE A 311 -15.21 10.49 3.60
C PHE A 311 -16.70 10.84 3.66
N ASP A 312 -17.57 9.99 3.08
CA ASP A 312 -19.00 10.16 3.19
C ASP A 312 -19.63 9.06 4.06
N PRO A 313 -19.96 9.37 5.31
CA PRO A 313 -20.59 8.35 6.17
C PRO A 313 -22.08 8.08 5.82
N LYS A 314 -22.68 8.84 4.92
CA LYS A 314 -24.07 8.63 4.49
C LYS A 314 -24.23 7.53 3.45
N ARG A 315 -23.16 7.03 2.86
CA ARG A 315 -23.27 6.13 1.73
C ARG A 315 -23.84 4.78 2.08
N LYS A 316 -24.62 4.24 1.16
CA LYS A 316 -25.19 2.93 1.31
C LYS A 316 -24.14 1.85 1.06
N ALA A 317 -24.44 0.65 1.57
CA ALA A 317 -23.60 -0.51 1.33
C ALA A 317 -23.56 -0.81 -0.17
N MET A 318 -22.46 -1.45 -0.60
CA MET A 318 -22.32 -1.97 -1.97
C MET A 318 -23.37 -3.05 -2.20
N GLU A 319 -23.83 -3.15 -3.44
CA GLU A 319 -24.95 -4.03 -3.76
C GLU A 319 -24.66 -5.49 -3.72
N TYR A 320 -25.64 -6.27 -3.28
CA TYR A 320 -25.54 -7.72 -3.32
C TYR A 320 -26.90 -8.16 -3.88
N ASN A 321 -26.91 -8.79 -5.06
CA ASN A 321 -28.16 -9.16 -5.73
C ASN A 321 -27.91 -10.37 -6.67
N VAL A 322 -28.08 -11.58 -6.10
CA VAL A 322 -27.84 -12.83 -6.82
C VAL A 322 -28.75 -12.95 -8.04
N GLU A 323 -30.03 -12.52 -7.93
CA GLU A 323 -30.95 -12.68 -9.07
C GLU A 323 -30.63 -11.70 -10.21
N GLU A 324 -30.21 -10.47 -9.91
CA GLU A 324 -29.78 -9.53 -10.93
C GLU A 324 -28.46 -10.05 -11.54
N ALA A 325 -27.55 -10.67 -10.73
CA ALA A 325 -26.30 -11.25 -11.24
C ALA A 325 -26.56 -12.36 -12.26
N LYS A 326 -27.51 -13.27 -11.98
CA LYS A 326 -27.85 -14.34 -12.92
C LYS A 326 -28.36 -13.76 -14.23
N ARG A 327 -29.16 -12.68 -14.16
CA ARG A 327 -29.71 -12.07 -15.36
C ARG A 327 -28.63 -11.36 -16.18
N LEU A 328 -27.59 -10.80 -15.51
CA LEU A 328 -26.46 -10.20 -16.20
C LEU A 328 -25.56 -11.25 -16.88
N VAL A 329 -25.45 -12.45 -16.29
CA VAL A 329 -24.67 -13.55 -16.88
C VAL A 329 -25.35 -13.93 -18.21
N LYS A 330 -26.69 -14.08 -18.17
CA LYS A 330 -27.44 -14.41 -19.39
C LYS A 330 -27.33 -13.31 -20.47
N GLU A 331 -27.52 -12.03 -20.11
CA GLU A 331 -27.43 -10.92 -21.09
C GLU A 331 -26.02 -10.74 -21.67
N SER A 332 -24.97 -11.04 -20.90
CA SER A 332 -23.58 -10.91 -21.37
C SER A 332 -23.23 -11.88 -22.50
N GLY A 333 -24.03 -12.92 -22.72
CA GLY A 333 -23.72 -13.92 -23.72
C GLY A 333 -22.70 -14.93 -23.23
N TYR A 334 -22.24 -14.85 -21.92
CA TYR A 334 -21.24 -15.78 -21.36
C TYR A 334 -21.63 -17.25 -21.66
N ASP A 335 -20.69 -18.02 -22.21
CA ASP A 335 -20.97 -19.37 -22.72
C ASP A 335 -20.60 -20.55 -21.79
N GLY A 336 -20.27 -20.30 -20.55
CA GLY A 336 -19.95 -21.36 -19.61
C GLY A 336 -18.47 -21.73 -19.51
N THR A 337 -17.63 -21.23 -20.41
CA THR A 337 -16.18 -21.52 -20.42
C THR A 337 -15.49 -21.15 -19.08
N PRO A 338 -14.58 -21.98 -18.48
CA PRO A 338 -13.94 -21.53 -17.22
C PRO A 338 -13.11 -20.26 -17.37
N ILE A 339 -13.21 -19.41 -16.37
CA ILE A 339 -12.47 -18.13 -16.30
C ILE A 339 -11.46 -18.29 -15.19
N THR A 340 -10.20 -18.01 -15.47
CA THR A 340 -9.18 -18.13 -14.43
C THR A 340 -9.13 -16.94 -13.45
N TYR A 341 -8.68 -17.22 -12.22
CA TYR A 341 -8.47 -16.19 -11.18
C TYR A 341 -7.07 -16.50 -10.61
N HIS A 342 -6.11 -15.61 -10.86
CA HIS A 342 -4.74 -15.75 -10.39
C HIS A 342 -4.51 -15.23 -8.97
N THR A 343 -3.77 -16.03 -8.15
CA THR A 343 -3.38 -15.67 -6.80
C THR A 343 -1.95 -16.16 -6.48
N MET A 344 -1.17 -15.35 -5.74
N MET A 344 -1.18 -15.36 -5.74
CA MET A 344 0.18 -15.70 -5.34
CA MET A 344 0.19 -15.71 -5.35
C MET A 344 0.09 -16.41 -3.98
C MET A 344 0.10 -16.42 -3.98
N GLY A 345 -0.58 -17.56 -3.97
CA GLY A 345 -0.85 -18.29 -2.73
C GLY A 345 -1.64 -17.41 -1.76
N ASN A 346 -1.18 -17.32 -0.53
CA ASN A 346 -1.78 -16.48 0.51
C ASN A 346 -0.87 -15.32 0.83
N TYR A 347 -0.34 -14.68 -0.21
CA TYR A 347 0.36 -13.39 -0.06
C TYR A 347 -0.59 -12.40 0.66
N TYR A 348 -1.86 -12.39 0.21
CA TYR A 348 -2.93 -11.70 0.90
C TYR A 348 -3.51 -12.67 1.89
N ALA A 349 -3.68 -12.25 3.17
CA ALA A 349 -4.34 -13.08 4.18
C ALA A 349 -5.73 -13.49 3.68
N ASN A 350 -6.06 -14.76 3.75
CA ASN A 350 -7.32 -15.34 3.34
C ASN A 350 -7.52 -15.33 1.83
N ALA A 351 -6.45 -15.15 1.03
CA ALA A 351 -6.65 -15.08 -0.43
C ALA A 351 -7.31 -16.35 -1.00
N MET A 352 -6.75 -17.54 -0.69
CA MET A 352 -7.28 -18.79 -1.27
C MET A 352 -8.58 -19.22 -0.59
N PRO A 353 -8.73 -19.11 0.74
CA PRO A 353 -10.04 -19.39 1.33
C PRO A 353 -11.13 -18.45 0.77
N ALA A 354 -10.84 -17.15 0.58
CA ALA A 354 -11.85 -16.22 0.02
C ALA A 354 -12.21 -16.64 -1.40
N LEU A 355 -11.21 -16.94 -2.21
CA LEU A 355 -11.45 -17.39 -3.58
C LEU A 355 -12.30 -18.65 -3.62
N MET A 356 -12.04 -19.63 -2.72
CA MET A 356 -12.85 -20.87 -2.75
C MET A 356 -14.30 -20.59 -2.49
N MET A 357 -14.57 -19.66 -1.56
CA MET A 357 -15.94 -19.26 -1.28
C MET A 357 -16.53 -18.57 -2.51
N MET A 358 -15.81 -17.60 -3.12
CA MET A 358 -16.35 -16.87 -4.27
C MET A 358 -16.59 -17.82 -5.47
N ILE A 359 -15.73 -18.81 -5.67
CA ILE A 359 -15.95 -19.80 -6.75
C ILE A 359 -17.35 -20.50 -6.61
N GLU A 360 -17.74 -20.88 -5.39
CA GLU A 360 -19.05 -21.46 -5.16
C GLU A 360 -20.14 -20.43 -5.40
N MET A 361 -19.97 -19.17 -4.91
CA MET A 361 -20.97 -18.11 -5.14
C MET A 361 -21.18 -17.90 -6.64
N TRP A 362 -20.08 -17.93 -7.41
CA TRP A 362 -20.14 -17.76 -8.84
C TRP A 362 -20.76 -18.98 -9.55
N LYS A 363 -20.50 -20.19 -9.08
CA LYS A 363 -21.17 -21.40 -9.64
C LYS A 363 -22.70 -21.26 -9.51
N GLN A 364 -23.16 -20.67 -8.39
CA GLN A 364 -24.60 -20.52 -8.17
C GLN A 364 -25.24 -19.45 -9.09
N ILE A 365 -24.45 -18.61 -9.78
CA ILE A 365 -24.97 -17.66 -10.79
C ILE A 365 -24.70 -18.12 -12.24
N GLY A 366 -24.04 -19.25 -12.42
CA GLY A 366 -23.78 -19.82 -13.73
C GLY A 366 -22.43 -19.47 -14.32
N VAL A 367 -21.47 -18.99 -13.49
CA VAL A 367 -20.14 -18.65 -13.98
C VAL A 367 -19.16 -19.60 -13.35
N ASN A 368 -18.30 -20.21 -14.18
CA ASN A 368 -17.32 -21.19 -13.75
C ASN A 368 -15.94 -20.58 -13.66
N VAL A 369 -15.45 -20.41 -12.43
CA VAL A 369 -14.15 -19.80 -12.17
C VAL A 369 -13.22 -20.84 -11.58
N VAL A 370 -11.96 -20.80 -11.99
CA VAL A 370 -10.92 -21.73 -11.57
C VAL A 370 -9.69 -20.99 -11.05
N MET A 371 -9.15 -21.47 -9.94
CA MET A 371 -7.96 -20.89 -9.35
C MET A 371 -6.71 -21.26 -10.10
N LYS A 372 -5.84 -20.28 -10.31
CA LYS A 372 -4.52 -20.49 -10.86
C LYS A 372 -3.54 -19.81 -9.93
N THR A 373 -2.60 -20.58 -9.39
CA THR A 373 -1.61 -20.03 -8.49
C THR A 373 -0.36 -19.65 -9.26
N TYR A 374 0.37 -18.70 -8.71
CA TYR A 374 1.65 -18.30 -9.27
C TYR A 374 2.62 -18.08 -8.13
N ALA A 375 3.90 -18.24 -8.44
CA ALA A 375 4.97 -18.19 -7.45
C ALA A 375 5.43 -16.75 -7.20
N PRO A 376 5.98 -16.41 -6.00
CA PRO A 376 6.53 -15.06 -5.81
C PRO A 376 7.57 -14.65 -6.86
N GLY A 377 7.41 -13.46 -7.43
CA GLY A 377 8.31 -12.98 -8.47
C GLY A 377 8.07 -13.57 -9.85
N SER A 378 6.97 -14.34 -10.03
CA SER A 378 6.62 -14.93 -11.31
C SER A 378 5.18 -14.56 -11.64
N PHE A 379 4.84 -13.22 -11.56
CA PHE A 379 3.51 -12.73 -11.95
C PHE A 379 3.26 -13.14 -13.42
N PRO A 380 2.13 -13.79 -13.77
CA PRO A 380 1.98 -14.25 -15.16
C PRO A 380 2.05 -13.13 -16.22
N PRO A 381 2.19 -13.47 -17.51
CA PRO A 381 2.08 -12.45 -18.56
C PRO A 381 0.68 -11.88 -18.54
N ASP A 382 0.51 -10.57 -18.75
CA ASP A 382 -0.83 -9.96 -18.66
C ASP A 382 -1.89 -10.67 -19.48
N ASN A 383 -1.54 -11.09 -20.71
CA ASN A 383 -2.52 -11.74 -21.58
C ASN A 383 -2.86 -13.17 -21.21
N GLN A 384 -2.21 -13.76 -20.20
CA GLN A 384 -2.60 -15.05 -19.63
C GLN A 384 -3.48 -14.90 -18.38
N THR A 385 -3.79 -13.64 -17.96
CA THR A 385 -4.61 -13.39 -16.78
C THR A 385 -5.99 -12.86 -17.21
N TRP A 386 -7.03 -13.24 -16.44
CA TRP A 386 -8.41 -12.83 -16.61
C TRP A 386 -8.77 -12.13 -15.27
N MET A 387 -9.08 -12.87 -14.21
CA MET A 387 -9.33 -12.28 -12.90
C MET A 387 -8.07 -12.41 -12.05
N ARG A 388 -7.86 -11.47 -11.13
CA ARG A 388 -6.72 -11.56 -10.20
C ARG A 388 -7.07 -10.81 -8.92
N ASN A 389 -6.42 -11.15 -7.82
CA ASN A 389 -6.59 -10.39 -6.60
C ASN A 389 -5.52 -9.27 -6.52
N TRP A 390 -5.84 -8.30 -5.68
CA TRP A 390 -4.99 -7.15 -5.47
C TRP A 390 -5.42 -6.45 -4.18
N SER A 391 -4.71 -5.39 -3.79
CA SER A 391 -5.11 -4.56 -2.66
C SER A 391 -4.67 -3.15 -2.95
N ASN A 392 -5.26 -2.18 -2.22
CA ASN A 392 -4.84 -0.77 -2.31
C ASN A 392 -4.77 -0.16 -0.91
N GLY A 393 -3.58 0.32 -0.55
CA GLY A 393 -3.37 1.08 0.65
C GLY A 393 -3.87 2.49 0.42
N GLN A 394 -4.66 3.04 1.34
CA GLN A 394 -5.24 4.39 1.18
C GLN A 394 -4.29 5.36 1.83
N TRP A 395 -3.39 5.90 1.01
CA TRP A 395 -2.18 6.55 1.46
C TRP A 395 -2.21 8.09 1.65
N MET A 396 -3.36 8.73 1.52
CA MET A 396 -3.51 10.17 1.80
C MET A 396 -4.66 10.41 2.78
N THR A 397 -4.65 11.57 3.45
CA THR A 397 -5.80 12.05 4.31
C THR A 397 -6.81 12.73 3.38
N ASP A 398 -7.16 12.03 2.29
CA ASP A 398 -7.98 12.58 1.23
C ASP A 398 -8.40 11.46 0.26
N ALA A 399 -9.59 11.59 -0.34
CA ALA A 399 -10.15 10.63 -1.27
C ALA A 399 -9.42 10.55 -2.61
N TYR A 400 -8.50 11.47 -2.90
CA TYR A 400 -7.74 11.40 -4.17
C TYR A 400 -7.11 10.03 -4.33
N ALA A 401 -6.48 9.51 -3.24
CA ALA A 401 -5.85 8.22 -3.29
C ALA A 401 -6.81 7.16 -2.69
N THR A 402 -6.97 5.98 -3.29
CA THR A 402 -6.30 5.48 -4.50
C THR A 402 -7.16 5.51 -5.77
N ILE A 403 -8.36 6.10 -5.75
CA ILE A 403 -9.21 6.06 -6.94
C ILE A 403 -8.54 6.77 -8.13
N VAL A 404 -7.93 7.95 -7.88
CA VAL A 404 -7.34 8.69 -9.02
C VAL A 404 -6.00 8.07 -9.42
N PRO A 405 -5.02 7.86 -8.52
CA PRO A 405 -3.75 7.28 -9.00
C PRO A 405 -3.84 5.92 -9.67
N GLU A 406 -4.73 5.06 -9.17
CA GLU A 406 -4.87 3.72 -9.76
C GLU A 406 -5.89 3.65 -10.89
N PHE A 407 -7.06 4.24 -10.69
CA PHE A 407 -8.20 4.07 -11.61
C PHE A 407 -8.46 5.28 -12.53
N GLY A 408 -7.69 6.35 -12.39
CA GLY A 408 -7.88 7.56 -13.16
C GLY A 408 -7.34 7.47 -14.56
N PRO A 409 -7.58 8.51 -15.36
CA PRO A 409 -7.19 8.48 -16.78
C PRO A 409 -5.72 8.22 -17.05
N ASN A 410 -4.87 8.63 -16.12
CA ASN A 410 -3.42 8.42 -16.27
C ASN A 410 -2.90 7.16 -15.64
N GLY A 411 -3.79 6.37 -15.03
CA GLY A 411 -3.43 5.19 -14.27
C GLY A 411 -3.37 3.86 -15.01
N GLN A 412 -2.87 2.87 -14.30
CA GLN A 412 -2.63 1.53 -14.86
C GLN A 412 -3.88 0.73 -15.14
N VAL A 413 -4.99 0.93 -14.37
CA VAL A 413 -6.18 0.13 -14.64
C VAL A 413 -6.76 0.48 -16.02
N GLN A 414 -6.70 1.76 -16.40
CA GLN A 414 -7.15 2.16 -17.74
C GLN A 414 -6.08 1.88 -18.82
N LYS A 415 -4.82 2.21 -18.56
CA LYS A 415 -3.78 2.14 -19.62
C LYS A 415 -3.19 0.76 -19.86
N ARG A 416 -2.91 0.04 -18.79
CA ARG A 416 -2.35 -1.32 -18.85
C ARG A 416 -3.45 -2.40 -18.91
N TRP A 417 -4.45 -2.29 -18.02
CA TRP A 417 -5.48 -3.30 -17.90
C TRP A 417 -6.76 -3.04 -18.69
N GLY A 418 -6.78 -1.98 -19.49
CA GLY A 418 -7.82 -1.74 -20.48
C GLY A 418 -9.20 -1.32 -20.08
N TRP A 419 -9.38 -0.79 -18.86
CA TRP A 419 -10.69 -0.29 -18.48
C TRP A 419 -11.03 0.91 -19.35
N LYS A 420 -12.13 0.83 -20.12
CA LYS A 420 -12.56 1.96 -20.90
C LYS A 420 -13.51 2.76 -20.04
N ALA A 421 -12.96 3.63 -19.20
CA ALA A 421 -13.79 4.38 -18.26
C ALA A 421 -14.73 5.37 -18.97
N PRO A 422 -15.95 5.63 -18.42
CA PRO A 422 -16.79 6.68 -19.01
C PRO A 422 -16.06 8.02 -18.99
N ALA A 423 -16.21 8.85 -20.03
CA ALA A 423 -15.54 10.14 -20.11
C ALA A 423 -15.83 11.02 -18.86
N GLU A 424 -17.06 10.93 -18.34
CA GLU A 424 -17.48 11.67 -17.14
C GLU A 424 -16.59 11.32 -15.95
N PHE A 425 -16.23 10.04 -15.78
CA PHE A 425 -15.34 9.65 -14.69
C PHE A 425 -14.02 10.36 -14.80
N ASN A 426 -13.41 10.35 -16.01
CA ASN A 426 -12.13 10.99 -16.16
C ASN A 426 -12.21 12.51 -15.96
N GLU A 427 -13.31 13.14 -16.41
CA GLU A 427 -13.50 14.59 -16.20
C GLU A 427 -13.55 14.91 -14.70
N LEU A 428 -14.24 14.04 -13.94
CA LEU A 428 -14.34 14.26 -12.50
C LEU A 428 -12.97 14.07 -11.84
N CYS A 429 -12.15 13.11 -12.31
CA CYS A 429 -10.79 12.89 -11.76
C CYS A 429 -9.95 14.17 -11.89
N GLN A 430 -10.05 14.79 -13.04
CA GLN A 430 -9.33 16.05 -13.28
C GLN A 430 -9.81 17.20 -12.35
N LYS A 431 -11.11 17.32 -12.16
CA LYS A 431 -11.68 18.34 -11.27
C LYS A 431 -11.26 18.15 -9.81
N VAL A 432 -11.37 16.92 -9.26
CA VAL A 432 -11.01 16.72 -7.86
C VAL A 432 -9.50 16.92 -7.59
N THR A 433 -8.67 16.72 -8.62
CA THR A 433 -7.23 16.95 -8.47
C THR A 433 -6.90 18.41 -8.09
N VAL A 434 -7.61 19.38 -8.66
CA VAL A 434 -7.30 20.81 -8.47
C VAL A 434 -8.22 21.58 -7.56
N LEU A 435 -9.40 21.01 -7.26
CA LEU A 435 -10.35 21.72 -6.43
C LEU A 435 -9.96 21.70 -4.96
N PRO A 436 -10.29 22.78 -4.22
CA PRO A 436 -10.16 22.72 -2.76
C PRO A 436 -11.40 22.01 -2.19
N ASN A 437 -11.32 21.61 -0.92
CA ASN A 437 -12.45 20.93 -0.29
C ASN A 437 -13.67 21.82 -0.22
N GLY A 438 -14.83 21.22 -0.44
CA GLY A 438 -16.11 21.91 -0.47
C GLY A 438 -17.17 20.99 -1.04
N LYS A 439 -18.41 21.49 -1.17
CA LYS A 439 -19.50 20.68 -1.71
C LYS A 439 -19.23 20.15 -3.12
N GLU A 440 -18.65 20.97 -4.02
CA GLU A 440 -18.41 20.53 -5.38
C GLU A 440 -17.46 19.34 -5.43
N ARG A 441 -16.37 19.46 -4.68
CA ARG A 441 -15.40 18.38 -4.66
C ARG A 441 -15.98 17.12 -4.00
N PHE A 442 -16.70 17.30 -2.90
CA PHE A 442 -17.31 16.18 -2.17
C PHE A 442 -18.28 15.43 -3.06
N ASP A 443 -19.17 16.15 -3.75
CA ASP A 443 -20.14 15.52 -4.61
C ASP A 443 -19.49 14.85 -5.83
N ALA A 444 -18.38 15.39 -6.36
CA ALA A 444 -17.67 14.77 -7.47
C ALA A 444 -17.12 13.40 -7.07
N TYR A 445 -16.53 13.28 -5.87
CA TYR A 445 -16.03 11.98 -5.40
C TYR A 445 -17.19 10.98 -5.26
N ASN A 446 -18.39 11.45 -4.81
CA ASN A 446 -19.52 10.52 -4.67
C ASN A 446 -20.00 10.02 -6.06
N ARG A 447 -19.98 10.89 -7.07
CA ARG A 447 -20.34 10.48 -8.41
C ARG A 447 -19.30 9.51 -8.98
N MET A 448 -18.02 9.74 -8.68
CA MET A 448 -16.94 8.83 -9.13
C MET A 448 -17.14 7.45 -8.50
N ARG A 449 -17.52 7.41 -7.19
CA ARG A 449 -17.77 6.16 -6.49
C ARG A 449 -18.96 5.45 -7.11
N ASP A 450 -20.01 6.18 -7.48
CA ASP A 450 -21.17 5.57 -8.11
C ASP A 450 -20.81 4.95 -9.48
N ILE A 451 -20.01 5.66 -10.29
CA ILE A 451 -19.57 5.13 -11.59
C ILE A 451 -18.70 3.90 -11.38
N PHE A 452 -17.82 3.93 -10.35
CA PHE A 452 -16.96 2.80 -10.06
C PHE A 452 -17.78 1.53 -9.77
N GLU A 453 -18.85 1.65 -8.99
CA GLU A 453 -19.71 0.49 -8.71
C GLU A 453 -20.49 0.04 -9.94
N GLU A 454 -20.91 0.97 -10.79
CA GLU A 454 -21.63 0.65 -12.01
C GLU A 454 -20.75 -0.12 -12.97
N GLU A 455 -19.50 0.31 -13.10
CA GLU A 455 -18.56 -0.22 -14.08
C GLU A 455 -17.78 -1.44 -13.62
N ALA A 456 -17.60 -1.59 -12.31
CA ALA A 456 -16.88 -2.70 -11.72
C ALA A 456 -15.53 -3.01 -12.39
N PRO A 457 -14.64 -2.00 -12.59
CA PRO A 457 -13.28 -2.31 -13.05
C PRO A 457 -12.49 -3.10 -11.99
N ALA A 458 -12.93 -3.02 -10.74
CA ALA A 458 -12.48 -3.86 -9.64
C ALA A 458 -13.68 -4.04 -8.70
N VAL A 459 -13.59 -5.03 -7.81
CA VAL A 459 -14.60 -5.31 -6.80
C VAL A 459 -13.94 -5.25 -5.43
N ILE A 460 -14.39 -4.31 -4.60
CA ILE A 460 -13.86 -4.16 -3.24
C ILE A 460 -14.44 -5.27 -2.41
N LEU A 461 -13.59 -5.95 -1.60
CA LEU A 461 -14.06 -7.00 -0.73
C LEU A 461 -14.24 -6.43 0.66
N TYR A 462 -13.17 -5.99 1.29
CA TYR A 462 -13.16 -5.52 2.67
C TYR A 462 -11.78 -4.98 3.04
N GLN A 463 -11.72 -4.25 4.16
CA GLN A 463 -10.47 -3.86 4.80
C GLN A 463 -10.05 -5.04 5.63
N PRO A 464 -8.81 -5.52 5.47
CA PRO A 464 -8.36 -6.64 6.28
C PRO A 464 -8.01 -6.23 7.72
N TYR A 465 -8.23 -7.18 8.65
CA TYR A 465 -7.77 -7.09 10.00
C TYR A 465 -6.38 -7.70 9.88
N ASP A 466 -5.34 -6.89 10.03
CA ASP A 466 -3.96 -7.31 9.84
C ASP A 466 -3.50 -7.95 11.13
N VAL A 467 -3.20 -9.25 11.10
CA VAL A 467 -2.86 -10.02 12.28
C VAL A 467 -1.38 -10.37 12.26
N TYR A 468 -0.65 -9.94 13.30
CA TYR A 468 0.72 -10.37 13.54
C TYR A 468 0.71 -11.28 14.77
N ALA A 469 1.81 -12.00 14.97
CA ALA A 469 2.03 -12.72 16.20
C ALA A 469 3.44 -12.52 16.61
N ALA A 470 3.66 -12.46 17.92
CA ALA A 470 4.94 -12.09 18.46
C ALA A 470 5.19 -12.75 19.80
N ARG A 471 6.45 -12.82 20.16
CA ARG A 471 6.84 -13.21 21.48
C ARG A 471 6.44 -12.08 22.44
N LYS A 472 5.90 -12.43 23.64
CA LYS A 472 5.48 -11.41 24.58
C LYS A 472 6.64 -10.54 25.08
N ASP A 473 7.89 -11.04 25.02
CA ASP A 473 9.08 -10.29 25.45
C ASP A 473 9.64 -9.37 24.35
N VAL A 474 8.94 -9.23 23.21
CA VAL A 474 9.30 -8.31 22.14
C VAL A 474 8.15 -7.34 22.15
N HIS A 475 8.42 -6.11 22.58
CA HIS A 475 7.39 -5.11 22.75
C HIS A 475 7.32 -4.29 21.46
N TRP A 476 6.17 -4.32 20.79
CA TRP A 476 6.01 -3.66 19.50
C TRP A 476 4.51 -3.65 19.20
N LYS A 477 3.99 -2.48 18.85
CA LYS A 477 2.59 -2.36 18.52
C LYS A 477 2.38 -2.16 17.02
N PRO A 478 1.35 -2.82 16.46
CA PRO A 478 0.99 -2.53 15.08
C PRO A 478 0.41 -1.12 14.90
N VAL A 479 0.52 -0.61 13.63
CA VAL A 479 -0.11 0.64 13.23
C VAL A 479 -1.19 0.34 12.22
N SER A 480 -2.09 1.32 11.98
CA SER A 480 -3.19 1.10 11.08
C SER A 480 -2.83 1.32 9.60
N PHE A 481 -1.71 0.77 9.16
CA PHE A 481 -1.25 0.89 7.79
C PHE A 481 -0.35 -0.29 7.48
N GLU A 482 -0.17 -0.58 6.20
CA GLU A 482 0.61 -1.72 5.74
C GLU A 482 2.13 -1.54 5.86
N MET A 483 2.57 -1.30 7.09
CA MET A 483 3.97 -1.16 7.44
C MET A 483 4.20 -1.52 8.87
N MET A 484 5.49 -1.69 9.26
CA MET A 484 5.84 -1.86 10.64
C MET A 484 6.65 -0.64 11.08
N GLU A 485 6.30 -0.05 12.24
CA GLU A 485 7.01 1.10 12.78
C GLU A 485 7.80 0.64 14.02
N PHE A 486 9.10 0.95 14.08
CA PHE A 486 9.89 0.60 15.24
C PHE A 486 10.43 1.84 16.00
N ARG A 487 10.26 3.08 15.47
CA ARG A 487 10.77 4.27 16.14
C ARG A 487 9.91 4.47 17.40
N ASN A 488 10.58 4.48 18.56
CA ASN A 488 9.93 4.57 19.87
C ASN A 488 8.81 3.50 20.02
N ASN A 489 9.00 2.36 19.36
CA ASN A 489 7.99 1.28 19.34
C ASN A 489 8.62 -0.09 19.17
N LEU A 490 9.76 -0.31 19.82
CA LEU A 490 10.41 -1.61 19.80
C LEU A 490 11.35 -1.71 20.97
N SER A 491 11.08 -2.64 21.86
CA SER A 491 11.94 -2.87 23.02
C SER A 491 11.87 -4.35 23.43
N PHE A 492 12.87 -4.83 24.17
CA PHE A 492 12.99 -6.25 24.53
C PHE A 492 13.07 -6.48 26.05
N GLY A 493 12.45 -7.54 26.52
CA GLY A 493 12.53 -7.95 27.92
C GLY A 493 11.25 -7.70 28.70
#